data_6F3D
#
_entry.id   6F3D
#
_cell.length_a   86.568
_cell.length_b   125.278
_cell.length_c   142.598
_cell.angle_alpha   90.00
_cell.angle_beta   90.00
_cell.angle_gamma   90.00
#
_symmetry.space_group_name_H-M   'I 2 2 2'
#
loop_
_entity.id
_entity.type
_entity.pdbx_description
1 polymer 'Interleukin-1 receptor-associated kinase 4'
2 non-polymer 'SULFATE ION'
3 non-polymer 4-[4-[[4-(dimethylamino)cyclohexyl]amino]-7~{H}-pyrrolo[2,3-d]pyrimidin-5-yl]cyclohexane-1-carboxamide
4 water water
#
_entity_poly.entity_id   1
_entity_poly.type   'polypeptide(L)'
_entity_poly.pdbx_seq_one_letter_code
;RFHSFSFYELKNVTNNFDERPISVGGNKMGEGGFGVVYKGYVNNTTVAVKKLAAMVDITTEELKQQFDQEIKVMAKCQHE
NLVELLGFSSDGDDLCLVYVYMPNGSLLDRLSCLDGTPPLSWHMRCKIAQGAANGINFLHENHHIHRDIKSANILLDEAF
TAKISDFGLARASEKFAQTVM(TPO)(SEP)RIVGTTAYMAPEALRGEITPKSDIYSFGVVLLEIITGLPAVDEHREPQL
LLDIKEEIEDEEKTIEDYIDKKMNDADSTSVEAMYSVASQCLHEKKNKRPDIKKVQQLLQEMT
;
_entity_poly.pdbx_strand_id   A,B
#
loop_
_chem_comp.id
_chem_comp.type
_chem_comp.name
_chem_comp.formula
CJT non-polymer 4-[4-[[4-(dimethylamino)cyclohexyl]amino]-7~{H}-pyrrolo[2,3-d]pyrimidin-5-yl]cyclohexane-1-carboxamide 'C21 H32 N6 O'
SO4 non-polymer 'SULFATE ION' 'O4 S -2'
#
# COMPACT_ATOMS: atom_id res chain seq x y z
N ARG A 1 -31.76 27.74 -2.64
CA ARG A 1 -31.17 27.75 -1.30
C ARG A 1 -31.10 26.35 -0.65
N PHE A 2 -30.63 26.29 0.61
CA PHE A 2 -30.46 25.08 1.41
C PHE A 2 -31.66 24.81 2.29
N HIS A 3 -31.73 23.60 2.87
CA HIS A 3 -32.81 23.22 3.76
C HIS A 3 -32.43 23.47 5.22
N SER A 4 -33.40 23.94 6.03
CA SER A 4 -33.21 24.17 7.45
C SER A 4 -33.69 22.89 8.13
N PHE A 5 -32.76 22.07 8.60
CA PHE A 5 -33.11 20.81 9.26
C PHE A 5 -33.30 21.05 10.75
N SER A 6 -34.27 20.35 11.36
CA SER A 6 -34.48 20.42 12.80
C SER A 6 -33.44 19.51 13.45
N PHE A 7 -32.95 19.86 14.65
CA PHE A 7 -31.96 19.06 15.37
C PHE A 7 -32.46 17.64 15.68
N TYR A 8 -33.75 17.50 16.08
CA TYR A 8 -34.36 16.21 16.40
C TYR A 8 -34.34 15.25 15.21
N GLU A 9 -34.66 15.75 14.00
CA GLU A 9 -34.66 15.00 12.73
C GLU A 9 -33.24 14.47 12.47
N LEU A 10 -32.23 15.36 12.59
CA LEU A 10 -30.83 15.04 12.41
C LEU A 10 -30.35 14.06 13.46
N LYS A 11 -30.92 14.14 14.69
CA LYS A 11 -30.59 13.24 15.79
C LYS A 11 -31.08 11.82 15.53
N ASN A 12 -32.35 11.63 15.09
CA ASN A 12 -32.86 10.28 14.86
C ASN A 12 -32.31 9.62 13.58
N VAL A 13 -31.91 10.40 12.54
CA VAL A 13 -31.38 9.84 11.29
C VAL A 13 -29.87 9.44 11.41
N THR A 14 -29.19 9.99 12.44
CA THR A 14 -27.79 9.67 12.77
C THR A 14 -27.74 8.70 13.97
N ASN A 15 -28.90 8.07 14.34
CA ASN A 15 -29.09 7.12 15.46
C ASN A 15 -28.57 7.72 16.78
N ASN A 16 -29.17 8.88 17.17
CA ASN A 16 -28.84 9.70 18.35
C ASN A 16 -27.36 10.09 18.37
N PHE A 17 -26.82 10.49 17.19
CA PHE A 17 -25.43 10.89 16.94
C PHE A 17 -24.44 9.83 17.48
N ASP A 18 -24.67 8.56 17.05
CA ASP A 18 -23.90 7.36 17.43
C ASP A 18 -22.44 7.54 17.07
N GLU A 19 -21.59 7.67 18.10
CA GLU A 19 -20.15 7.92 17.96
C GLU A 19 -19.32 6.66 17.73
N ARG A 20 -19.96 5.48 17.75
CA ARG A 20 -19.26 4.21 17.48
C ARG A 20 -18.92 4.18 15.98
N PRO A 21 -17.75 3.68 15.55
CA PRO A 21 -17.46 3.64 14.10
C PRO A 21 -18.48 2.85 13.28
N ILE A 22 -18.60 3.15 11.96
CA ILE A 22 -19.49 2.46 11.00
C ILE A 22 -19.10 0.96 10.97
N SER A 23 -17.77 0.71 11.05
CA SER A 23 -17.11 -0.60 11.02
C SER A 23 -17.58 -1.58 12.12
N VAL A 24 -18.14 -1.05 13.22
CA VAL A 24 -18.66 -1.83 14.35
C VAL A 24 -20.20 -1.69 14.46
N GLY A 25 -20.82 -0.98 13.51
CA GLY A 25 -22.26 -0.78 13.45
C GLY A 25 -22.80 0.53 14.01
N GLY A 26 -21.98 1.57 14.03
CA GLY A 26 -22.37 2.89 14.52
C GLY A 26 -22.67 3.86 13.40
N ASN A 27 -22.44 5.17 13.65
CA ASN A 27 -22.71 6.24 12.66
C ASN A 27 -21.53 7.19 12.40
N LYS A 28 -20.46 7.09 13.19
CA LYS A 28 -19.28 7.95 13.06
C LYS A 28 -18.43 7.56 11.85
N MET A 29 -18.21 8.54 10.95
CA MET A 29 -17.44 8.42 9.71
C MET A 29 -15.99 8.90 9.89
N GLY A 30 -15.80 9.90 10.73
CA GLY A 30 -14.51 10.48 11.03
C GLY A 30 -14.64 11.76 11.82
N GLU A 31 -13.60 12.10 12.59
CA GLU A 31 -13.57 13.32 13.38
C GLU A 31 -12.40 14.21 12.98
N GLY A 32 -12.58 15.51 13.18
CA GLY A 32 -11.59 16.54 12.90
C GLY A 32 -11.57 17.53 14.05
N GLY A 33 -10.78 18.59 13.90
CA GLY A 33 -10.68 19.61 14.93
C GLY A 33 -11.94 20.43 15.14
N PHE A 34 -12.82 20.48 14.12
CA PHE A 34 -14.03 21.30 14.19
C PHE A 34 -15.35 20.51 14.27
N GLY A 35 -15.27 19.23 14.59
CA GLY A 35 -16.47 18.42 14.77
C GLY A 35 -16.32 16.96 14.45
N VAL A 36 -17.45 16.26 14.49
CA VAL A 36 -17.58 14.83 14.18
C VAL A 36 -18.51 14.69 12.97
N VAL A 37 -18.11 13.82 12.02
CA VAL A 37 -18.88 13.56 10.80
C VAL A 37 -19.62 12.23 10.98
N TYR A 38 -20.96 12.28 10.86
CA TYR A 38 -21.84 11.14 11.01
C TYR A 38 -22.55 10.79 9.69
N LYS A 39 -22.86 9.49 9.49
CA LYS A 39 -23.62 8.98 8.34
C LYS A 39 -25.10 9.06 8.73
N GLY A 40 -25.93 9.58 7.83
CA GLY A 40 -27.35 9.74 8.05
C GLY A 40 -28.21 9.29 6.89
N TYR A 41 -29.54 9.18 7.12
CA TYR A 41 -30.51 8.71 6.12
C TYR A 41 -31.78 9.57 6.13
N VAL A 42 -31.85 10.56 5.22
CA VAL A 42 -32.98 11.50 5.03
C VAL A 42 -33.49 11.35 3.60
N ASN A 43 -34.83 11.13 3.41
CA ASN A 43 -35.52 10.94 2.11
C ASN A 43 -35.01 9.63 1.42
N ASN A 44 -34.83 8.55 2.25
CA ASN A 44 -34.22 7.23 1.94
C ASN A 44 -32.72 7.38 1.60
N THR A 45 -32.33 8.58 1.07
CA THR A 45 -30.99 9.02 0.66
C THR A 45 -30.02 9.04 1.83
N THR A 46 -28.77 8.66 1.57
CA THR A 46 -27.70 8.72 2.57
C THR A 46 -27.14 10.15 2.54
N VAL A 47 -26.83 10.68 3.71
CA VAL A 47 -26.26 12.03 3.90
C VAL A 47 -25.10 11.94 4.86
N ALA A 48 -24.24 12.98 4.86
CA ALA A 48 -23.11 13.18 5.76
C ALA A 48 -23.52 14.37 6.65
N VAL A 49 -23.50 14.18 7.98
CA VAL A 49 -23.88 15.25 8.91
C VAL A 49 -22.66 15.61 9.77
N LYS A 50 -22.12 16.83 9.60
CA LYS A 50 -21.02 17.28 10.42
C LYS A 50 -21.61 18.05 11.61
N LYS A 51 -21.61 17.45 12.83
CA LYS A 51 -22.09 18.14 14.04
C LYS A 51 -20.86 18.88 14.60
N LEU A 52 -20.87 20.23 14.50
CA LEU A 52 -19.75 21.09 14.90
C LEU A 52 -19.43 21.08 16.41
N ALA A 53 -18.10 21.02 16.73
CA ALA A 53 -17.55 20.98 18.10
C ALA A 53 -16.13 21.55 18.16
N LEU A 63 -15.05 28.61 14.94
CA LEU A 63 -16.03 27.52 14.89
C LEU A 63 -17.35 27.96 14.25
N LYS A 64 -18.00 29.02 14.80
CA LYS A 64 -19.25 29.57 14.26
C LYS A 64 -18.93 30.38 12.99
N GLN A 65 -17.68 30.87 12.89
CA GLN A 65 -17.21 31.61 11.72
C GLN A 65 -16.99 30.68 10.54
N GLN A 66 -16.42 29.49 10.82
CA GLN A 66 -16.20 28.45 9.82
C GLN A 66 -17.51 27.81 9.34
N PHE A 67 -18.57 27.81 10.21
CA PHE A 67 -19.94 27.35 9.93
C PHE A 67 -20.56 28.28 8.87
N ASP A 68 -20.55 29.60 9.16
CA ASP A 68 -21.04 30.67 8.29
C ASP A 68 -20.25 30.79 6.99
N GLN A 69 -18.91 30.60 7.05
CA GLN A 69 -18.05 30.69 5.86
C GLN A 69 -18.35 29.51 4.91
N GLU A 70 -18.63 28.31 5.46
CA GLU A 70 -19.01 27.12 4.71
C GLU A 70 -20.34 27.40 3.98
N ILE A 71 -21.37 27.91 4.70
CA ILE A 71 -22.69 28.24 4.14
C ILE A 71 -22.58 29.33 3.06
N LYS A 72 -21.81 30.42 3.34
CA LYS A 72 -21.57 31.57 2.44
C LYS A 72 -21.00 31.12 1.10
N VAL A 73 -19.84 30.41 1.13
CA VAL A 73 -19.12 29.90 -0.04
C VAL A 73 -19.98 28.87 -0.79
N MET A 74 -20.63 27.93 -0.06
CA MET A 74 -21.47 26.88 -0.67
C MET A 74 -22.74 27.42 -1.33
N ALA A 75 -23.27 28.56 -0.84
CA ALA A 75 -24.45 29.18 -1.44
C ALA A 75 -24.12 29.73 -2.83
N LYS A 76 -22.92 30.29 -2.97
CA LYS A 76 -22.38 30.87 -4.20
C LYS A 76 -21.76 29.85 -5.16
N CYS A 77 -21.09 28.82 -4.62
CA CYS A 77 -20.34 27.86 -5.40
C CYS A 77 -21.01 26.49 -5.55
N GLN A 78 -21.66 26.29 -6.70
CA GLN A 78 -22.31 25.05 -7.09
C GLN A 78 -21.72 24.56 -8.44
N HIS A 79 -20.94 23.47 -8.38
CA HIS A 79 -20.26 22.86 -9.51
C HIS A 79 -20.21 21.34 -9.34
N GLU A 80 -20.07 20.63 -10.48
CA GLU A 80 -19.92 19.19 -10.68
C GLU A 80 -18.75 18.62 -9.83
N ASN A 81 -17.70 19.46 -9.60
CA ASN A 81 -16.46 19.09 -8.92
C ASN A 81 -16.29 19.75 -7.55
N LEU A 82 -17.42 20.09 -6.89
CA LEU A 82 -17.44 20.62 -5.53
C LEU A 82 -18.50 19.85 -4.79
N VAL A 83 -18.26 19.49 -3.49
CA VAL A 83 -19.30 18.77 -2.73
C VAL A 83 -20.48 19.67 -2.57
N GLU A 84 -21.65 19.07 -2.49
CA GLU A 84 -22.85 19.84 -2.31
C GLU A 84 -23.34 19.77 -0.88
N LEU A 85 -23.70 20.95 -0.34
CA LEU A 85 -24.28 21.11 0.98
C LEU A 85 -25.80 21.07 0.75
N LEU A 86 -26.51 20.21 1.51
CA LEU A 86 -27.96 20.11 1.41
C LEU A 86 -28.67 21.05 2.37
N GLY A 87 -28.04 21.31 3.52
CA GLY A 87 -28.60 22.19 4.53
C GLY A 87 -27.81 22.24 5.81
N PHE A 88 -28.43 22.78 6.85
CA PHE A 88 -27.82 22.99 8.15
C PHE A 88 -28.91 22.95 9.24
N SER A 89 -28.47 22.97 10.51
CA SER A 89 -29.32 23.00 11.70
C SER A 89 -28.68 24.00 12.66
N SER A 90 -29.40 25.09 12.96
CA SER A 90 -28.90 26.12 13.87
C SER A 90 -29.74 26.17 15.14
N ASP A 91 -31.02 25.75 15.05
CA ASP A 91 -31.96 25.71 16.19
C ASP A 91 -31.99 24.33 16.85
N GLY A 92 -31.40 24.31 18.04
CA GLY A 92 -31.21 23.13 18.86
C GLY A 92 -29.81 23.17 19.48
N ASP A 93 -29.60 22.38 20.55
CA ASP A 93 -28.31 22.32 21.25
C ASP A 93 -27.26 21.64 20.38
N ASP A 94 -26.59 22.45 19.49
CA ASP A 94 -25.51 22.14 18.53
C ASP A 94 -25.81 22.59 17.07
N LEU A 95 -24.74 22.93 16.32
CA LEU A 95 -24.75 23.36 14.91
C LEU A 95 -24.37 22.19 14.01
N CYS A 96 -25.15 21.92 12.96
CA CYS A 96 -24.83 20.82 12.05
C CYS A 96 -24.86 21.25 10.61
N LEU A 97 -24.04 20.62 9.77
CA LEU A 97 -23.97 20.84 8.33
C LEU A 97 -24.29 19.52 7.64
N VAL A 98 -25.28 19.54 6.73
CA VAL A 98 -25.74 18.36 6.01
C VAL A 98 -25.25 18.38 4.55
N TYR A 99 -24.54 17.34 4.11
CA TYR A 99 -24.01 17.27 2.74
C TYR A 99 -24.53 16.07 2.01
N VAL A 100 -24.34 16.07 0.68
CA VAL A 100 -24.60 14.90 -0.18
C VAL A 100 -23.51 13.86 0.22
N TYR A 101 -23.90 12.60 0.34
CA TYR A 101 -23.00 11.51 0.70
C TYR A 101 -22.07 11.11 -0.46
N MET A 102 -20.78 10.98 -0.14
CA MET A 102 -19.70 10.59 -1.05
C MET A 102 -19.33 9.17 -0.70
N PRO A 103 -19.85 8.17 -1.48
CA PRO A 103 -19.64 6.76 -1.13
C PRO A 103 -18.20 6.25 -1.18
N ASN A 104 -17.30 6.96 -1.86
CA ASN A 104 -15.94 6.48 -1.97
C ASN A 104 -14.93 7.29 -1.15
N GLY A 105 -15.42 7.99 -0.12
CA GLY A 105 -14.62 8.76 0.84
C GLY A 105 -13.71 9.81 0.25
N SER A 106 -12.47 9.91 0.80
CA SER A 106 -11.50 10.90 0.33
C SER A 106 -10.44 10.28 -0.53
N LEU A 107 -9.75 11.12 -1.34
CA LEU A 107 -8.66 10.66 -2.21
C LEU A 107 -7.52 10.14 -1.32
N LEU A 108 -7.31 10.78 -0.14
CA LEU A 108 -6.29 10.39 0.84
C LEU A 108 -6.48 8.93 1.24
N ASP A 109 -7.72 8.57 1.64
CA ASP A 109 -8.08 7.22 2.07
C ASP A 109 -7.98 6.19 0.98
N ARG A 110 -8.33 6.56 -0.25
CA ARG A 110 -8.26 5.65 -1.39
C ARG A 110 -6.83 5.42 -1.81
N LEU A 111 -6.00 6.45 -1.75
CA LEU A 111 -4.58 6.31 -2.06
C LEU A 111 -3.86 5.45 -1.02
N SER A 112 -4.32 5.48 0.25
CA SER A 112 -3.74 4.66 1.33
C SER A 112 -4.41 3.29 1.46
N CYS A 113 -5.46 3.07 0.64
CA CYS A 113 -6.31 1.87 0.62
C CYS A 113 -6.86 1.58 2.01
N LEU A 114 -7.28 2.63 2.72
CA LEU A 114 -7.85 2.54 4.07
C LEU A 114 -9.06 1.62 4.10
N ASP A 115 -9.05 0.70 5.04
CA ASP A 115 -10.11 -0.29 5.30
C ASP A 115 -10.17 -1.37 4.26
N GLY A 116 -9.08 -1.59 3.53
CA GLY A 116 -8.98 -2.68 2.57
C GLY A 116 -9.61 -2.48 1.21
N THR A 117 -9.81 -1.23 0.83
CA THR A 117 -10.38 -0.87 -0.48
C THR A 117 -9.32 -1.13 -1.58
N PRO A 118 -9.68 -1.51 -2.82
CA PRO A 118 -8.64 -1.77 -3.83
C PRO A 118 -7.89 -0.52 -4.27
N PRO A 119 -6.62 -0.68 -4.65
CA PRO A 119 -5.86 0.48 -5.15
C PRO A 119 -6.55 1.13 -6.36
N LEU A 120 -6.47 2.48 -6.46
CA LEU A 120 -7.04 3.22 -7.60
C LEU A 120 -6.15 3.00 -8.82
N SER A 121 -6.73 2.69 -9.98
CA SER A 121 -5.95 2.52 -11.21
C SER A 121 -5.43 3.89 -11.68
N TRP A 122 -4.44 3.89 -12.58
CA TRP A 122 -3.90 5.13 -13.14
C TRP A 122 -4.96 5.91 -13.90
N HIS A 123 -5.86 5.18 -14.58
CA HIS A 123 -6.99 5.68 -15.35
C HIS A 123 -7.95 6.47 -14.45
N MET A 124 -8.32 5.90 -13.27
CA MET A 124 -9.17 6.55 -12.25
C MET A 124 -8.46 7.80 -11.72
N ARG A 125 -7.13 7.68 -11.45
CA ARG A 125 -6.30 8.77 -10.92
C ARG A 125 -6.20 10.00 -11.85
N CYS A 126 -6.15 9.78 -13.18
CA CYS A 126 -6.11 10.84 -14.18
C CYS A 126 -7.42 11.65 -14.21
N LYS A 127 -8.57 10.95 -14.12
CA LYS A 127 -9.92 11.54 -14.10
C LYS A 127 -10.09 12.42 -12.85
N ILE A 128 -9.60 11.91 -11.69
CA ILE A 128 -9.68 12.57 -10.39
C ILE A 128 -8.85 13.86 -10.42
N ALA A 129 -7.66 13.81 -11.04
CA ALA A 129 -6.79 14.97 -11.17
C ALA A 129 -7.49 16.03 -12.02
N GLN A 130 -8.05 15.63 -13.18
CA GLN A 130 -8.81 16.49 -14.09
C GLN A 130 -10.02 17.12 -13.37
N GLY A 131 -10.80 16.28 -12.68
CA GLY A 131 -11.96 16.71 -11.92
C GLY A 131 -11.63 17.74 -10.84
N ALA A 132 -10.68 17.43 -9.93
CA ALA A 132 -10.24 18.32 -8.85
C ALA A 132 -9.81 19.69 -9.41
N ALA A 133 -9.08 19.69 -10.56
CA ALA A 133 -8.62 20.89 -11.26
C ALA A 133 -9.77 21.71 -11.80
N ASN A 134 -10.81 21.04 -12.34
CA ASN A 134 -12.04 21.67 -12.83
C ASN A 134 -12.77 22.36 -11.65
N GLY A 135 -12.71 21.76 -10.48
CA GLY A 135 -13.26 22.30 -9.25
C GLY A 135 -12.51 23.52 -8.76
N ILE A 136 -11.15 23.47 -8.78
CA ILE A 136 -10.30 24.59 -8.37
C ILE A 136 -10.51 25.77 -9.33
N ASN A 137 -10.60 25.47 -10.65
CA ASN A 137 -10.84 26.47 -11.69
C ASN A 137 -12.16 27.19 -11.48
N PHE A 138 -13.22 26.46 -11.07
CA PHE A 138 -14.51 27.06 -10.78
C PHE A 138 -14.38 28.04 -9.62
N LEU A 139 -13.67 27.63 -8.55
CA LEU A 139 -13.42 28.45 -7.37
C LEU A 139 -12.67 29.71 -7.73
N HIS A 140 -11.60 29.61 -8.55
CA HIS A 140 -10.78 30.75 -8.96
C HIS A 140 -11.49 31.66 -9.94
N GLU A 141 -12.35 31.10 -10.82
CA GLU A 141 -13.15 31.88 -11.77
C GLU A 141 -14.15 32.74 -10.99
N ASN A 142 -14.63 32.21 -9.87
CA ASN A 142 -15.59 32.83 -8.96
C ASN A 142 -14.87 33.56 -7.81
N HIS A 143 -13.59 33.93 -8.04
CA HIS A 143 -12.73 34.70 -7.14
C HIS A 143 -12.69 34.20 -5.68
N HIS A 144 -12.49 32.89 -5.51
CA HIS A 144 -12.36 32.27 -4.20
C HIS A 144 -11.05 31.53 -4.11
N ILE A 145 -10.36 31.63 -2.97
CA ILE A 145 -9.11 30.93 -2.68
C ILE A 145 -9.54 29.92 -1.64
N HIS A 146 -9.24 28.64 -1.86
CA HIS A 146 -9.62 27.55 -0.98
C HIS A 146 -8.85 27.58 0.33
N ARG A 147 -7.52 27.64 0.24
CA ARG A 147 -6.52 27.73 1.33
C ARG A 147 -6.21 26.40 2.01
N ASP A 148 -6.92 25.32 1.67
CA ASP A 148 -6.62 24.02 2.26
C ASP A 148 -6.79 22.88 1.26
N ILE A 149 -6.22 23.06 0.05
CA ILE A 149 -6.21 22.04 -0.99
C ILE A 149 -5.27 20.98 -0.51
N LYS A 150 -5.80 19.75 -0.37
CA LYS A 150 -5.13 18.54 0.07
C LYS A 150 -6.02 17.38 -0.31
N SER A 151 -5.46 16.18 -0.39
CA SER A 151 -6.18 14.95 -0.75
C SER A 151 -7.33 14.59 0.20
N ALA A 152 -7.20 14.91 1.50
CA ALA A 152 -8.25 14.68 2.51
C ALA A 152 -9.51 15.50 2.19
N ASN A 153 -9.35 16.59 1.39
CA ASN A 153 -10.41 17.52 1.00
C ASN A 153 -10.88 17.31 -0.45
N ILE A 154 -10.50 16.19 -1.04
CA ILE A 154 -10.96 15.81 -2.37
C ILE A 154 -11.77 14.54 -2.15
N LEU A 155 -13.10 14.68 -2.19
CA LEU A 155 -13.99 13.54 -1.97
C LEU A 155 -14.37 12.88 -3.26
N LEU A 156 -14.84 11.62 -3.15
CA LEU A 156 -15.13 10.75 -4.29
C LEU A 156 -16.50 10.16 -4.27
N ASP A 157 -17.31 10.42 -5.33
CA ASP A 157 -18.66 9.92 -5.39
C ASP A 157 -18.70 8.47 -5.92
N GLU A 158 -19.90 7.97 -6.22
CA GLU A 158 -20.18 6.63 -6.76
C GLU A 158 -19.48 6.35 -8.12
N ALA A 159 -19.14 7.40 -8.87
CA ALA A 159 -18.42 7.24 -10.14
C ALA A 159 -16.94 7.66 -9.99
N PHE A 160 -16.48 7.89 -8.74
CA PHE A 160 -15.13 8.38 -8.40
C PHE A 160 -14.85 9.76 -9.04
N THR A 161 -15.90 10.59 -9.12
CA THR A 161 -15.78 11.96 -9.60
C THR A 161 -15.25 12.74 -8.40
N ALA A 162 -14.22 13.55 -8.63
CA ALA A 162 -13.60 14.39 -7.61
C ALA A 162 -14.52 15.55 -7.21
N LYS A 163 -14.57 15.81 -5.92
CA LYS A 163 -15.40 16.86 -5.34
C LYS A 163 -14.57 17.56 -4.26
N ILE A 164 -14.21 18.84 -4.48
CA ILE A 164 -13.46 19.66 -3.52
C ILE A 164 -14.40 19.91 -2.35
N SER A 165 -13.91 19.73 -1.13
CA SER A 165 -14.67 19.96 0.11
C SER A 165 -13.94 20.91 1.07
N ASP A 166 -14.62 21.28 2.17
CA ASP A 166 -14.15 22.14 3.26
C ASP A 166 -13.75 23.53 2.80
N PHE A 167 -14.74 24.45 2.84
CA PHE A 167 -14.64 25.86 2.44
C PHE A 167 -14.71 26.76 3.69
N GLY A 168 -14.39 26.18 4.84
CA GLY A 168 -14.37 26.85 6.14
C GLY A 168 -13.33 27.94 6.25
N LEU A 169 -12.16 27.76 5.58
CA LEU A 169 -11.05 28.72 5.54
C LEU A 169 -11.02 29.49 4.22
N ALA A 170 -11.95 29.20 3.28
CA ALA A 170 -12.03 29.85 1.97
C ALA A 170 -12.17 31.37 2.07
N ARG A 171 -11.51 32.10 1.14
CA ARG A 171 -11.49 33.58 1.10
C ARG A 171 -11.72 34.13 -0.28
N ALA A 172 -12.50 35.21 -0.37
CA ALA A 172 -12.79 35.89 -1.64
C ALA A 172 -11.59 36.70 -2.12
N VAL A 180 -2.22 40.84 -0.80
CA VAL A 180 -3.05 40.40 0.32
C VAL A 180 -2.22 39.62 1.36
N MET A 181 -2.30 40.06 2.64
CA MET A 181 -1.61 39.45 3.79
C MET A 181 -2.56 39.27 4.98
N TPO A 182 -2.27 38.29 5.86
CA TPO A 182 -3.03 37.96 7.08
CB TPO A 182 -4.06 36.75 6.91
CG2 TPO A 182 -3.43 35.40 6.51
OG1 TPO A 182 -4.92 36.52 8.09
P TPO A 182 -6.32 37.25 8.17
O1P TPO A 182 -6.97 37.49 6.79
O2P TPO A 182 -7.25 36.34 8.99
O3P TPO A 182 -6.20 38.60 8.92
C TPO A 182 -2.10 37.64 8.25
O TPO A 182 -0.97 37.19 8.04
N SEP A 183 -2.59 37.84 9.48
CA SEP A 183 -1.88 37.50 10.72
CB SEP A 183 -2.20 38.48 11.85
OG SEP A 183 -3.59 38.92 11.86
C SEP A 183 -2.19 36.04 11.06
O SEP A 183 -1.30 35.32 11.52
P SEP A 183 -3.78 40.32 12.52
O1P SEP A 183 -5.28 40.43 12.84
O2P SEP A 183 -3.41 41.42 11.51
O3P SEP A 183 -3.02 40.60 13.85
N ARG A 184 -3.46 35.61 10.82
CA ARG A 184 -3.96 34.25 11.08
C ARG A 184 -3.60 33.29 9.92
N ILE A 185 -2.36 32.78 9.94
CA ILE A 185 -1.84 31.84 8.93
C ILE A 185 -2.51 30.47 9.12
N VAL A 186 -3.23 30.01 8.08
CA VAL A 186 -3.98 28.74 8.12
C VAL A 186 -3.70 27.83 6.90
N GLY A 187 -3.96 26.55 7.11
CA GLY A 187 -3.74 25.51 6.11
C GLY A 187 -2.99 24.33 6.69
N THR A 188 -2.55 23.43 5.81
CA THR A 188 -1.79 22.23 6.18
C THR A 188 -0.36 22.45 5.68
N THR A 189 0.61 22.56 6.61
CA THR A 189 2.01 22.91 6.31
C THR A 189 2.65 21.99 5.26
N ALA A 190 2.32 20.69 5.26
CA ALA A 190 2.86 19.72 4.29
C ALA A 190 2.48 20.00 2.81
N TYR A 191 1.44 20.83 2.59
CA TYR A 191 0.87 21.21 1.31
C TYR A 191 1.04 22.69 0.97
N MET A 192 1.49 23.51 1.91
CA MET A 192 1.59 24.97 1.78
C MET A 192 2.75 25.52 0.99
N ALA A 193 2.43 26.52 0.14
CA ALA A 193 3.40 27.30 -0.67
C ALA A 193 4.29 28.10 0.29
N PRO A 194 5.58 28.35 -0.04
CA PRO A 194 6.40 29.17 0.86
C PRO A 194 5.76 30.51 1.24
N GLU A 195 5.12 31.20 0.30
CA GLU A 195 4.50 32.50 0.59
C GLU A 195 3.25 32.40 1.48
N ALA A 196 2.54 31.25 1.45
CA ALA A 196 1.36 31.00 2.29
C ALA A 196 1.82 30.89 3.74
N LEU A 197 2.99 30.25 3.97
CA LEU A 197 3.63 30.07 5.26
C LEU A 197 4.06 31.39 5.84
N ARG A 198 4.39 32.36 4.98
CA ARG A 198 4.77 33.74 5.34
C ARG A 198 3.60 34.69 5.54
N GLY A 199 2.39 34.26 5.20
CA GLY A 199 1.20 35.09 5.43
C GLY A 199 0.53 35.69 4.22
N GLU A 200 0.97 35.36 2.99
CA GLU A 200 0.34 35.88 1.78
C GLU A 200 -0.92 35.09 1.41
N ILE A 201 -2.00 35.81 1.05
CA ILE A 201 -3.24 35.18 0.57
C ILE A 201 -3.27 35.39 -0.95
N THR A 202 -3.17 34.30 -1.71
CA THR A 202 -3.11 34.32 -3.17
C THR A 202 -3.61 32.99 -3.79
N PRO A 203 -4.37 33.04 -4.93
CA PRO A 203 -4.81 31.79 -5.58
C PRO A 203 -3.65 30.92 -6.05
N LYS A 204 -2.45 31.53 -6.22
CA LYS A 204 -1.21 30.85 -6.61
C LYS A 204 -0.77 29.82 -5.54
N SER A 205 -1.18 30.05 -4.27
CA SER A 205 -0.88 29.14 -3.15
C SER A 205 -1.68 27.83 -3.31
N ASP A 206 -2.92 27.91 -3.84
CA ASP A 206 -3.80 26.76 -4.12
C ASP A 206 -3.20 25.88 -5.20
N ILE A 207 -2.50 26.50 -6.18
CA ILE A 207 -1.83 25.80 -7.28
C ILE A 207 -0.70 24.92 -6.72
N TYR A 208 0.12 25.50 -5.81
CA TYR A 208 1.22 24.79 -5.14
C TYR A 208 0.70 23.56 -4.39
N SER A 209 -0.35 23.75 -3.59
CA SER A 209 -1.00 22.68 -2.84
C SER A 209 -1.52 21.55 -3.76
N PHE A 210 -2.04 21.92 -4.94
CA PHE A 210 -2.48 20.96 -5.94
C PHE A 210 -1.30 20.15 -6.51
N GLY A 211 -0.10 20.75 -6.59
CA GLY A 211 1.10 20.07 -7.06
C GLY A 211 1.47 18.93 -6.13
N VAL A 212 1.29 19.14 -4.81
CA VAL A 212 1.51 18.11 -3.79
C VAL A 212 0.48 16.97 -3.96
N VAL A 213 -0.78 17.32 -4.30
CA VAL A 213 -1.84 16.35 -4.51
C VAL A 213 -1.49 15.45 -5.72
N LEU A 214 -0.95 16.06 -6.78
CA LEU A 214 -0.51 15.35 -7.99
C LEU A 214 0.61 14.38 -7.68
N LEU A 215 1.54 14.77 -6.78
CA LEU A 215 2.63 13.92 -6.30
C LEU A 215 2.09 12.72 -5.53
N GLU A 216 1.06 12.94 -4.67
CA GLU A 216 0.38 11.88 -3.91
C GLU A 216 -0.31 10.89 -4.85
N ILE A 217 -0.87 11.39 -5.96
CA ILE A 217 -1.56 10.57 -6.95
C ILE A 217 -0.55 9.67 -7.71
N ILE A 218 0.61 10.24 -8.13
CA ILE A 218 1.63 9.49 -8.87
C ILE A 218 2.25 8.39 -8.00
N THR A 219 2.56 8.72 -6.73
CA THR A 219 3.34 7.92 -5.78
C THR A 219 2.54 7.08 -4.80
N GLY A 220 1.33 7.52 -4.47
CA GLY A 220 0.52 6.84 -3.47
C GLY A 220 1.02 7.10 -2.05
N LEU A 221 2.01 8.02 -1.91
CA LEU A 221 2.62 8.40 -0.64
C LEU A 221 1.90 9.56 0.03
N PRO A 222 1.80 9.56 1.39
CA PRO A 222 1.20 10.74 2.05
C PRO A 222 2.15 11.96 1.95
N ALA A 223 1.59 13.20 1.94
CA ALA A 223 2.36 14.47 1.85
C ALA A 223 3.41 14.64 2.95
N VAL A 224 3.15 14.07 4.14
CA VAL A 224 4.07 14.06 5.27
C VAL A 224 4.07 12.67 5.93
N ASP A 225 5.26 12.19 6.25
CA ASP A 225 5.50 10.97 6.99
C ASP A 225 6.72 11.24 7.79
N GLU A 226 6.53 11.42 9.09
CA GLU A 226 7.58 11.74 10.06
C GLU A 226 8.67 10.65 10.15
N HIS A 227 8.33 9.40 9.76
CA HIS A 227 9.24 8.24 9.79
C HIS A 227 9.79 7.89 8.40
N ARG A 228 9.83 8.86 7.48
CA ARG A 228 10.31 8.70 6.12
C ARG A 228 11.39 9.76 5.79
N GLU A 229 12.28 9.42 4.83
CA GLU A 229 13.31 10.31 4.29
C GLU A 229 13.07 10.37 2.76
N PRO A 230 12.62 11.52 2.19
CA PRO A 230 12.33 12.80 2.87
C PRO A 230 10.96 12.76 3.58
N GLN A 231 10.83 13.52 4.67
CA GLN A 231 9.60 13.56 5.45
C GLN A 231 8.46 14.18 4.63
N LEU A 232 8.77 15.23 3.86
CA LEU A 232 7.81 15.92 3.03
C LEU A 232 7.91 15.45 1.58
N LEU A 233 6.78 15.02 1.01
CA LEU A 233 6.68 14.53 -0.36
C LEU A 233 7.15 15.57 -1.39
N LEU A 234 6.91 16.89 -1.14
CA LEU A 234 7.32 17.93 -2.08
C LEU A 234 8.83 17.95 -2.32
N ASP A 235 9.61 17.35 -1.39
CA ASP A 235 11.07 17.26 -1.45
C ASP A 235 11.60 16.30 -2.49
N ILE A 236 10.76 15.39 -3.01
CA ILE A 236 11.15 14.43 -4.06
C ILE A 236 11.44 15.16 -5.38
N LYS A 237 10.83 16.34 -5.59
CA LYS A 237 11.00 17.18 -6.80
C LYS A 237 12.48 17.56 -6.95
N GLU A 238 13.11 17.89 -5.80
CA GLU A 238 14.51 18.23 -5.63
C GLU A 238 15.37 17.02 -5.94
N GLU A 239 15.00 15.84 -5.39
CA GLU A 239 15.70 14.57 -5.62
C GLU A 239 15.70 14.19 -7.10
N ILE A 240 14.57 14.36 -7.79
CA ILE A 240 14.41 14.07 -9.22
C ILE A 240 15.22 15.09 -10.05
N GLU A 241 15.04 16.40 -9.77
CA GLU A 241 15.75 17.49 -10.45
C GLU A 241 17.26 17.40 -10.33
N ASP A 242 17.75 17.00 -9.14
CA ASP A 242 19.18 16.84 -8.89
C ASP A 242 19.68 15.42 -9.23
N GLU A 243 18.92 14.69 -10.10
CA GLU A 243 19.16 13.34 -10.65
C GLU A 243 19.63 12.30 -9.62
N GLU A 244 19.29 12.52 -8.34
CA GLU A 244 19.59 11.65 -7.21
C GLU A 244 18.62 10.45 -7.28
N LYS A 245 17.38 10.71 -7.78
CA LYS A 245 16.30 9.74 -7.99
C LYS A 245 15.56 10.04 -9.31
N THR A 246 14.66 9.11 -9.73
CA THR A 246 13.85 9.26 -10.95
C THR A 246 12.35 9.26 -10.57
N ILE A 247 11.49 9.78 -11.46
CA ILE A 247 10.05 9.77 -11.20
C ILE A 247 9.56 8.30 -11.17
N GLU A 248 10.14 7.44 -12.04
CA GLU A 248 9.88 6.02 -12.14
C GLU A 248 10.16 5.29 -10.83
N ASP A 249 11.18 5.73 -10.07
CA ASP A 249 11.52 5.14 -8.76
C ASP A 249 10.39 5.36 -7.73
N TYR A 250 9.63 6.46 -7.90
CA TYR A 250 8.59 6.90 -6.99
C TYR A 250 7.15 6.46 -7.35
N ILE A 251 6.89 6.10 -8.63
CA ILE A 251 5.56 5.68 -9.14
C ILE A 251 4.95 4.61 -8.22
N ASP A 252 3.67 4.78 -7.84
CA ASP A 252 2.94 3.82 -7.00
C ASP A 252 2.94 2.45 -7.70
N LYS A 253 3.42 1.44 -6.97
CA LYS A 253 3.56 0.07 -7.46
C LYS A 253 2.23 -0.69 -7.40
N LYS A 254 1.24 -0.11 -6.72
CA LYS A 254 -0.11 -0.63 -6.57
C LYS A 254 -0.97 -0.30 -7.81
N MET A 255 -0.35 -0.19 -8.97
CA MET A 255 -1.04 0.09 -10.24
C MET A 255 -0.49 -0.87 -11.27
N ASN A 256 -1.33 -1.29 -12.23
CA ASN A 256 -0.93 -2.17 -13.33
C ASN A 256 -1.01 -1.47 -14.70
N ASP A 257 -1.67 -0.29 -14.74
CA ASP A 257 -1.95 0.52 -15.93
C ASP A 257 -1.26 1.90 -15.99
N ALA A 258 -0.21 2.14 -15.22
CA ALA A 258 0.47 3.43 -15.27
C ALA A 258 1.47 3.51 -16.39
N ASP A 259 1.07 4.18 -17.47
CA ASP A 259 1.85 4.39 -18.67
C ASP A 259 2.92 5.45 -18.37
N SER A 260 4.22 5.15 -18.61
CA SER A 260 5.39 6.01 -18.39
C SER A 260 5.22 7.45 -18.88
N THR A 261 4.76 7.61 -20.12
CA THR A 261 4.57 8.90 -20.79
C THR A 261 3.53 9.77 -20.07
N SER A 262 2.33 9.24 -19.80
CA SER A 262 1.31 10.02 -19.11
C SER A 262 1.67 10.30 -17.62
N VAL A 263 2.45 9.39 -16.97
CA VAL A 263 2.93 9.59 -15.59
C VAL A 263 3.93 10.77 -15.61
N GLU A 264 4.79 10.81 -16.65
CA GLU A 264 5.77 11.87 -16.87
C GLU A 264 5.09 13.20 -17.19
N ALA A 265 3.99 13.17 -17.97
CA ALA A 265 3.20 14.36 -18.30
C ALA A 265 2.52 14.90 -17.02
N MET A 266 2.01 14.01 -16.12
CA MET A 266 1.45 14.48 -14.85
C MET A 266 2.55 15.05 -13.91
N TYR A 267 3.73 14.39 -13.83
CA TYR A 267 4.82 14.85 -12.97
C TYR A 267 5.31 16.25 -13.39
N SER A 268 5.35 16.52 -14.72
CA SER A 268 5.72 17.81 -15.29
C SER A 268 4.76 18.91 -14.80
N VAL A 269 3.44 18.63 -14.77
CA VAL A 269 2.39 19.53 -14.28
C VAL A 269 2.64 19.79 -12.79
N ALA A 270 2.87 18.71 -12.01
CA ALA A 270 3.17 18.78 -10.58
C ALA A 270 4.42 19.64 -10.31
N SER A 271 5.51 19.42 -11.07
CA SER A 271 6.80 20.14 -11.00
C SER A 271 6.59 21.65 -11.27
N GLN A 272 5.72 21.99 -12.23
CA GLN A 272 5.34 23.36 -12.61
C GLN A 272 4.54 24.05 -11.48
N CYS A 273 3.60 23.33 -10.83
CA CYS A 273 2.78 23.85 -9.72
C CYS A 273 3.64 24.07 -8.46
N LEU A 274 4.74 23.33 -8.34
CA LEU A 274 5.63 23.39 -7.19
C LEU A 274 6.79 24.33 -7.36
N HIS A 275 6.70 25.23 -8.36
CA HIS A 275 7.71 26.26 -8.55
C HIS A 275 7.66 27.11 -7.27
N GLU A 276 8.83 27.33 -6.65
CA GLU A 276 8.93 28.09 -5.39
C GLU A 276 8.50 29.55 -5.52
N LYS A 277 8.68 30.12 -6.74
CA LYS A 277 8.30 31.48 -7.10
C LYS A 277 6.87 31.41 -7.65
N LYS A 278 5.89 31.96 -6.90
CA LYS A 278 4.45 31.95 -7.23
C LYS A 278 4.11 32.42 -8.67
N ASN A 279 4.86 33.39 -9.20
CA ASN A 279 4.61 33.94 -10.54
C ASN A 279 5.09 33.04 -11.67
N LYS A 280 5.97 32.08 -11.35
CA LYS A 280 6.49 31.12 -12.32
C LYS A 280 5.58 29.88 -12.44
N ARG A 281 4.66 29.67 -11.46
CA ARG A 281 3.66 28.60 -11.42
C ARG A 281 2.58 28.87 -12.50
N PRO A 282 1.97 27.83 -13.12
CA PRO A 282 0.91 28.12 -14.09
C PRO A 282 -0.39 28.50 -13.36
N ASP A 283 -1.33 29.14 -14.07
CA ASP A 283 -2.63 29.42 -13.47
C ASP A 283 -3.47 28.15 -13.58
N ILE A 284 -4.58 28.05 -12.84
CA ILE A 284 -5.41 26.86 -12.85
C ILE A 284 -5.92 26.47 -14.29
N LYS A 285 -6.24 27.45 -15.16
CA LYS A 285 -6.68 27.20 -16.54
C LYS A 285 -5.59 26.47 -17.35
N LYS A 286 -4.31 26.83 -17.14
CA LYS A 286 -3.17 26.19 -17.78
C LYS A 286 -3.02 24.76 -17.25
N VAL A 287 -3.29 24.56 -15.95
CA VAL A 287 -3.23 23.25 -15.29
C VAL A 287 -4.26 22.30 -15.92
N GLN A 288 -5.51 22.77 -16.15
CA GLN A 288 -6.57 21.96 -16.77
C GLN A 288 -6.16 21.55 -18.16
N GLN A 289 -5.66 22.51 -18.98
CA GLN A 289 -5.20 22.30 -20.35
C GLN A 289 -4.13 21.21 -20.41
N LEU A 290 -3.15 21.28 -19.50
CA LEU A 290 -2.04 20.34 -19.38
C LEU A 290 -2.51 18.92 -19.01
N LEU A 291 -3.47 18.81 -18.07
CA LEU A 291 -4.03 17.54 -17.62
C LEU A 291 -4.93 16.93 -18.71
N GLN A 292 -5.53 17.77 -19.57
CA GLN A 292 -6.37 17.35 -20.70
C GLN A 292 -5.49 16.74 -21.77
N GLU A 293 -4.38 17.43 -22.15
CA GLU A 293 -3.39 17.01 -23.15
C GLU A 293 -2.71 15.68 -22.79
N MET A 294 -2.65 15.38 -21.47
CA MET A 294 -2.09 14.17 -20.88
C MET A 294 -2.87 12.91 -21.28
N THR A 295 -4.22 13.04 -21.48
CA THR A 295 -5.10 11.90 -21.82
C THR A 295 -5.53 11.87 -23.31
N ARG B 1 8.52 -39.33 -9.82
CA ARG B 1 9.67 -38.55 -10.30
C ARG B 1 9.22 -37.33 -11.12
N PHE B 2 10.20 -36.51 -11.56
CA PHE B 2 10.00 -35.30 -12.36
C PHE B 2 10.13 -35.58 -13.84
N HIS B 3 9.70 -34.61 -14.67
CA HIS B 3 9.80 -34.74 -16.13
C HIS B 3 11.09 -34.08 -16.63
N SER B 4 11.72 -34.70 -17.62
CA SER B 4 12.93 -34.16 -18.25
C SER B 4 12.44 -33.40 -19.46
N PHE B 5 12.45 -32.07 -19.38
CA PHE B 5 11.99 -31.25 -20.48
C PHE B 5 13.13 -30.95 -21.41
N SER B 6 12.84 -30.96 -22.70
CA SER B 6 13.76 -30.58 -23.76
C SER B 6 13.95 -29.06 -23.64
N PHE B 7 15.16 -28.56 -23.86
CA PHE B 7 15.38 -27.11 -23.83
C PHE B 7 14.52 -26.42 -24.91
N TYR B 8 14.39 -27.07 -26.11
CA TYR B 8 13.57 -26.61 -27.23
C TYR B 8 12.11 -26.54 -26.84
N GLU B 9 11.63 -27.49 -26.00
CA GLU B 9 10.26 -27.49 -25.49
C GLU B 9 10.05 -26.26 -24.57
N LEU B 10 10.97 -26.03 -23.65
CA LEU B 10 10.91 -24.90 -22.72
C LEU B 10 11.05 -23.57 -23.43
N LYS B 11 11.81 -23.56 -24.52
CA LYS B 11 11.97 -22.42 -25.39
C LYS B 11 10.63 -22.06 -26.05
N ASN B 12 9.90 -23.02 -26.64
CA ASN B 12 8.70 -22.57 -27.32
C ASN B 12 7.50 -22.37 -26.39
N VAL B 13 7.52 -22.93 -25.18
CA VAL B 13 6.37 -22.77 -24.29
C VAL B 13 6.41 -21.42 -23.54
N THR B 14 7.58 -20.73 -23.62
CA THR B 14 7.84 -19.43 -22.99
C THR B 14 7.93 -18.39 -24.07
N ASN B 15 7.40 -18.71 -25.28
CA ASN B 15 7.45 -17.86 -26.48
C ASN B 15 8.90 -17.36 -26.69
N ASN B 16 9.84 -18.32 -26.80
CA ASN B 16 11.31 -18.13 -26.93
C ASN B 16 11.89 -17.30 -25.81
N PHE B 17 11.56 -17.63 -24.53
CA PHE B 17 12.03 -16.91 -23.36
C PHE B 17 11.89 -15.37 -23.52
N ASP B 18 10.66 -14.94 -23.95
CA ASP B 18 10.23 -13.54 -24.14
C ASP B 18 10.42 -12.78 -22.83
N GLU B 19 11.45 -11.90 -22.82
CA GLU B 19 11.87 -11.15 -21.65
C GLU B 19 11.05 -9.87 -21.39
N ARG B 20 10.06 -9.58 -22.27
CA ARG B 20 9.15 -8.45 -22.08
C ARG B 20 8.26 -8.76 -20.87
N PRO B 21 7.91 -7.80 -19.99
CA PRO B 21 7.04 -8.15 -18.84
C PRO B 21 5.69 -8.73 -19.26
N ILE B 22 5.13 -9.54 -18.38
CA ILE B 22 3.86 -10.22 -18.50
C ILE B 22 2.72 -9.15 -18.64
N SER B 23 2.92 -7.98 -18.00
CA SER B 23 2.06 -6.78 -17.98
C SER B 23 1.90 -6.10 -19.37
N VAL B 24 2.83 -6.34 -20.30
CA VAL B 24 2.81 -5.81 -21.66
C VAL B 24 2.61 -6.95 -22.72
N GLY B 25 2.38 -8.18 -22.23
CA GLY B 25 2.17 -9.34 -23.08
C GLY B 25 3.38 -10.22 -23.35
N GLY B 26 4.36 -10.15 -22.47
CA GLY B 26 5.56 -10.98 -22.56
C GLY B 26 5.43 -12.17 -21.63
N ASN B 27 6.55 -12.87 -21.40
CA ASN B 27 6.56 -14.04 -20.53
C ASN B 27 7.37 -13.85 -19.27
N LYS B 28 8.07 -12.71 -19.11
CA LYS B 28 8.88 -12.47 -17.92
C LYS B 28 8.03 -12.12 -16.70
N MET B 29 8.18 -12.92 -15.64
CA MET B 29 7.48 -12.78 -14.36
C MET B 29 8.34 -12.02 -13.31
N GLY B 30 9.64 -12.28 -13.33
CA GLY B 30 10.64 -11.71 -12.45
C GLY B 30 12.05 -12.16 -12.78
N GLU B 31 13.03 -11.55 -12.11
CA GLU B 31 14.46 -11.88 -12.23
C GLU B 31 15.16 -11.60 -10.91
N GLY B 32 16.20 -12.37 -10.64
CA GLY B 32 17.03 -12.31 -9.44
C GLY B 32 18.47 -12.65 -9.77
N GLY B 33 19.27 -12.83 -8.71
CA GLY B 33 20.70 -13.14 -8.82
C GLY B 33 21.01 -14.45 -9.51
N PHE B 34 20.05 -15.41 -9.51
CA PHE B 34 20.28 -16.72 -10.10
C PHE B 34 19.45 -17.04 -11.35
N GLY B 35 18.86 -16.01 -11.98
CA GLY B 35 18.12 -16.20 -13.22
C GLY B 35 16.84 -15.42 -13.39
N VAL B 36 16.13 -15.74 -14.50
CA VAL B 36 14.87 -15.11 -14.91
C VAL B 36 13.73 -16.13 -14.84
N VAL B 37 12.59 -15.71 -14.29
CA VAL B 37 11.40 -16.52 -14.14
C VAL B 37 10.40 -16.15 -15.27
N TYR B 38 10.03 -17.14 -16.09
CA TYR B 38 9.12 -16.97 -17.20
C TYR B 38 7.82 -17.75 -16.99
N LYS B 39 6.70 -17.26 -17.57
CA LYS B 39 5.40 -17.92 -17.58
C LYS B 39 5.40 -18.77 -18.85
N GLY B 40 4.98 -20.01 -18.73
CA GLY B 40 4.90 -20.92 -19.86
C GLY B 40 3.60 -21.67 -19.90
N TYR B 41 3.30 -22.26 -21.07
CA TYR B 41 2.09 -23.04 -21.29
C TYR B 41 2.49 -24.37 -21.89
N VAL B 42 2.45 -25.43 -21.07
CA VAL B 42 2.76 -26.79 -21.52
C VAL B 42 1.40 -27.44 -21.77
N ASN B 43 1.09 -27.60 -23.06
CA ASN B 43 -0.22 -28.05 -23.57
C ASN B 43 -1.27 -27.03 -23.06
N ASN B 44 -2.04 -27.40 -22.04
CA ASN B 44 -3.05 -26.51 -21.49
C ASN B 44 -2.65 -25.98 -20.07
N THR B 45 -1.55 -26.50 -19.51
CA THR B 45 -1.09 -26.15 -18.18
C THR B 45 -0.19 -24.92 -18.15
N THR B 46 -0.51 -23.97 -17.24
CA THR B 46 0.36 -22.82 -16.98
C THR B 46 1.44 -23.28 -16.02
N VAL B 47 2.68 -22.95 -16.34
CA VAL B 47 3.88 -23.29 -15.57
C VAL B 47 4.80 -22.08 -15.37
N ALA B 48 5.64 -22.14 -14.35
CA ALA B 48 6.67 -21.14 -14.05
C ALA B 48 8.01 -21.82 -14.46
N VAL B 49 8.79 -21.17 -15.33
CA VAL B 49 10.07 -21.72 -15.79
C VAL B 49 11.18 -20.79 -15.35
N LYS B 50 12.03 -21.24 -14.41
CA LYS B 50 13.17 -20.45 -13.99
C LYS B 50 14.36 -20.84 -14.86
N LYS B 51 14.79 -19.94 -15.76
CA LYS B 51 15.98 -20.16 -16.59
C LYS B 51 17.18 -19.60 -15.79
N LEU B 52 18.07 -20.48 -15.31
CA LEU B 52 19.21 -20.15 -14.46
C LEU B 52 20.33 -19.41 -15.18
N ALA B 53 20.80 -18.31 -14.56
CA ALA B 53 21.87 -17.44 -15.05
C ALA B 53 22.70 -16.89 -13.88
N ALA B 54 24.05 -16.93 -14.03
CA ALA B 54 25.06 -16.49 -13.07
C ALA B 54 24.87 -15.06 -12.49
N ILE B 58 28.79 -15.40 -8.33
CA ILE B 58 28.70 -16.84 -8.07
C ILE B 58 29.23 -17.67 -9.24
N THR B 59 29.90 -18.79 -8.90
CA THR B 59 30.53 -19.73 -9.84
C THR B 59 30.49 -20.40 -11.21
N THR B 60 29.35 -21.06 -11.53
CA THR B 60 29.07 -21.68 -12.83
C THR B 60 29.40 -23.15 -12.45
N GLU B 61 29.14 -23.47 -11.17
CA GLU B 61 29.32 -24.74 -10.48
C GLU B 61 28.99 -23.68 -9.44
N GLU B 62 28.16 -24.04 -8.44
CA GLU B 62 27.78 -23.18 -7.31
C GLU B 62 26.34 -22.77 -7.67
N LEU B 63 26.11 -22.41 -8.96
CA LEU B 63 24.81 -22.10 -9.56
C LEU B 63 24.22 -23.45 -9.95
N LYS B 64 25.09 -24.38 -10.45
CA LYS B 64 24.76 -25.77 -10.78
C LYS B 64 24.50 -26.53 -9.46
N GLN B 65 25.09 -26.05 -8.34
CA GLN B 65 24.89 -26.61 -7.00
C GLN B 65 23.48 -26.30 -6.51
N GLN B 66 23.02 -25.07 -6.74
CA GLN B 66 21.66 -24.63 -6.37
C GLN B 66 20.58 -25.30 -7.21
N PHE B 67 20.93 -25.69 -8.45
CA PHE B 67 20.08 -26.41 -9.40
C PHE B 67 19.82 -27.82 -8.83
N ASP B 68 20.91 -28.54 -8.53
CA ASP B 68 20.90 -29.88 -7.95
C ASP B 68 20.29 -29.92 -6.55
N GLN B 69 20.53 -28.89 -5.72
CA GLN B 69 19.98 -28.80 -4.37
C GLN B 69 18.46 -28.63 -4.43
N GLU B 70 17.94 -27.85 -5.42
CA GLU B 70 16.52 -27.64 -5.65
C GLU B 70 15.86 -28.99 -6.01
N ILE B 71 16.46 -29.74 -6.97
CA ILE B 71 15.96 -31.05 -7.42
C ILE B 71 15.99 -32.07 -6.29
N LYS B 72 17.12 -32.14 -5.53
CA LYS B 72 17.32 -33.05 -4.39
C LYS B 72 16.24 -32.90 -3.33
N VAL B 73 16.08 -31.66 -2.81
CA VAL B 73 15.12 -31.29 -1.77
C VAL B 73 13.68 -31.51 -2.27
N MET B 74 13.37 -31.09 -3.51
CA MET B 74 12.03 -31.22 -4.11
C MET B 74 11.61 -32.66 -4.39
N ALA B 75 12.58 -33.55 -4.65
CA ALA B 75 12.30 -34.96 -4.88
C ALA B 75 11.79 -35.62 -3.60
N LYS B 76 12.38 -35.22 -2.45
CA LYS B 76 12.08 -35.71 -1.11
C LYS B 76 10.87 -35.02 -0.46
N CYS B 77 10.70 -33.73 -0.72
CA CYS B 77 9.71 -32.90 -0.04
C CYS B 77 8.51 -32.54 -0.88
N GLN B 78 7.42 -33.29 -0.67
CA GLN B 78 6.11 -33.11 -1.31
C GLN B 78 5.01 -32.88 -0.23
N HIS B 79 4.51 -31.63 -0.11
CA HIS B 79 3.48 -31.22 0.86
C HIS B 79 2.61 -30.14 0.21
N GLU B 80 1.34 -29.95 0.67
CA GLU B 80 0.45 -28.90 0.13
C GLU B 80 0.96 -27.50 0.43
N ASN B 81 1.83 -27.34 1.45
CA ASN B 81 2.36 -26.03 1.79
C ASN B 81 3.78 -25.81 1.27
N LEU B 82 4.17 -26.52 0.20
CA LEU B 82 5.46 -26.36 -0.48
C LEU B 82 5.17 -26.32 -1.96
N VAL B 83 5.85 -25.44 -2.73
CA VAL B 83 5.62 -25.42 -4.18
C VAL B 83 6.07 -26.74 -4.78
N GLU B 84 5.43 -27.14 -5.86
CA GLU B 84 5.83 -28.36 -6.52
C GLU B 84 6.62 -28.08 -7.78
N LEU B 85 7.70 -28.84 -7.95
CA LEU B 85 8.55 -28.81 -9.13
C LEU B 85 8.01 -29.90 -10.08
N LEU B 86 7.76 -29.52 -11.34
CA LEU B 86 7.27 -30.45 -12.36
C LEU B 86 8.40 -31.15 -13.11
N GLY B 87 9.51 -30.45 -13.25
CA GLY B 87 10.67 -30.98 -13.95
C GLY B 87 11.80 -29.99 -14.14
N PHE B 88 12.73 -30.35 -14.99
CA PHE B 88 13.91 -29.57 -15.27
C PHE B 88 14.39 -29.83 -16.70
N SER B 89 15.43 -29.11 -17.11
CA SER B 89 16.08 -29.30 -18.40
C SER B 89 17.55 -29.10 -18.13
N SER B 90 18.36 -30.12 -18.51
CA SER B 90 19.83 -30.14 -18.34
C SER B 90 20.62 -30.26 -19.65
N ASP B 91 20.28 -29.44 -20.65
CA ASP B 91 20.98 -29.40 -21.94
C ASP B 91 22.16 -28.42 -21.77
N GLY B 92 23.37 -28.98 -21.69
CA GLY B 92 24.66 -28.29 -21.55
C GLY B 92 24.76 -27.13 -20.57
N ASP B 93 24.89 -25.92 -21.14
CA ASP B 93 25.05 -24.64 -20.43
C ASP B 93 23.72 -23.82 -20.26
N ASP B 94 22.54 -24.50 -20.31
CA ASP B 94 21.21 -23.84 -20.16
C ASP B 94 20.36 -24.64 -19.16
N LEU B 95 20.42 -24.28 -17.88
CA LEU B 95 19.68 -24.97 -16.80
C LEU B 95 18.34 -24.30 -16.52
N CYS B 96 17.24 -25.08 -16.57
CA CYS B 96 15.86 -24.61 -16.34
C CYS B 96 15.16 -25.47 -15.30
N LEU B 97 14.32 -24.84 -14.49
CA LEU B 97 13.49 -25.52 -13.50
C LEU B 97 12.04 -25.18 -13.77
N VAL B 98 11.20 -26.21 -13.92
CA VAL B 98 9.77 -26.07 -14.20
C VAL B 98 8.90 -26.33 -12.97
N TYR B 99 8.05 -25.37 -12.56
CA TYR B 99 7.20 -25.52 -11.39
C TYR B 99 5.74 -25.39 -11.72
N VAL B 100 4.87 -25.79 -10.77
CA VAL B 100 3.44 -25.57 -10.81
C VAL B 100 3.24 -24.04 -10.68
N TYR B 101 2.34 -23.48 -11.49
CA TYR B 101 2.04 -22.05 -11.49
C TYR B 101 1.22 -21.62 -10.28
N MET B 102 1.67 -20.53 -9.64
CA MET B 102 1.04 -19.91 -8.47
C MET B 102 0.38 -18.62 -8.94
N PRO B 103 -0.95 -18.65 -9.16
CA PRO B 103 -1.64 -17.50 -9.76
C PRO B 103 -1.68 -16.22 -8.93
N ASN B 104 -1.45 -16.32 -7.60
CA ASN B 104 -1.51 -15.14 -6.76
C ASN B 104 -0.16 -14.66 -6.28
N GLY B 105 0.90 -15.01 -7.02
CA GLY B 105 2.27 -14.59 -6.80
C GLY B 105 2.84 -14.84 -5.42
N SER B 106 3.59 -13.85 -4.87
CA SER B 106 4.20 -13.99 -3.56
C SER B 106 3.47 -13.23 -2.49
N LEU B 107 3.69 -13.61 -1.20
CA LEU B 107 3.06 -12.92 -0.07
C LEU B 107 3.57 -11.49 -0.03
N LEU B 108 4.85 -11.28 -0.42
CA LEU B 108 5.49 -9.97 -0.47
C LEU B 108 4.69 -9.03 -1.35
N ASP B 109 4.40 -9.48 -2.58
CA ASP B 109 3.64 -8.72 -3.56
C ASP B 109 2.22 -8.45 -3.16
N ARG B 110 1.56 -9.41 -2.50
CA ARG B 110 0.17 -9.24 -2.03
C ARG B 110 0.09 -8.31 -0.85
N LEU B 111 1.09 -8.34 0.04
CA LEU B 111 1.16 -7.41 1.17
C LEU B 111 1.43 -5.98 0.70
N SER B 112 2.15 -5.82 -0.43
CA SER B 112 2.45 -4.50 -0.99
C SER B 112 1.38 -4.05 -2.00
N CYS B 113 0.41 -4.94 -2.29
CA CYS B 113 -0.66 -4.79 -3.27
C CYS B 113 -0.11 -4.47 -4.65
N LEU B 114 0.99 -5.12 -5.02
CA LEU B 114 1.67 -4.89 -6.30
C LEU B 114 0.73 -5.16 -7.46
N ASP B 115 0.69 -4.23 -8.40
CA ASP B 115 -0.11 -4.28 -9.61
C ASP B 115 -1.61 -4.12 -9.37
N GLY B 116 -1.97 -3.49 -8.27
CA GLY B 116 -3.36 -3.14 -7.98
C GLY B 116 -4.24 -4.21 -7.43
N THR B 117 -3.65 -5.25 -6.85
CA THR B 117 -4.39 -6.36 -6.25
C THR B 117 -5.02 -5.87 -4.92
N PRO B 118 -6.20 -6.38 -4.49
CA PRO B 118 -6.78 -5.85 -3.24
C PRO B 118 -5.98 -6.25 -1.99
N PRO B 119 -5.99 -5.40 -0.95
CA PRO B 119 -5.33 -5.79 0.31
C PRO B 119 -5.87 -7.12 0.85
N LEU B 120 -5.01 -7.99 1.41
CA LEU B 120 -5.41 -9.27 2.01
C LEU B 120 -6.13 -8.98 3.31
N SER B 121 -7.28 -9.64 3.56
CA SER B 121 -7.99 -9.45 4.84
C SER B 121 -7.22 -10.08 5.98
N TRP B 122 -7.56 -9.74 7.24
CA TRP B 122 -6.90 -10.33 8.39
C TRP B 122 -7.13 -11.84 8.45
N HIS B 123 -8.33 -12.26 8.05
CA HIS B 123 -8.78 -13.64 8.02
C HIS B 123 -7.94 -14.47 7.06
N MET B 124 -7.69 -13.94 5.86
CA MET B 124 -6.84 -14.61 4.90
C MET B 124 -5.35 -14.63 5.40
N ARG B 125 -4.88 -13.52 5.99
CA ARG B 125 -3.53 -13.41 6.55
C ARG B 125 -3.22 -14.46 7.65
N CYS B 126 -4.21 -14.77 8.50
CA CYS B 126 -4.11 -15.80 9.53
C CYS B 126 -3.94 -17.19 8.92
N LYS B 127 -4.68 -17.48 7.87
CA LYS B 127 -4.66 -18.75 7.14
C LYS B 127 -3.32 -18.96 6.43
N ILE B 128 -2.75 -17.89 5.83
CA ILE B 128 -1.47 -17.90 5.14
C ILE B 128 -0.34 -18.15 6.15
N ALA B 129 -0.43 -17.53 7.35
CA ALA B 129 0.55 -17.72 8.43
C ALA B 129 0.53 -19.19 8.86
N GLN B 130 -0.67 -19.75 9.11
CA GLN B 130 -0.88 -21.16 9.47
C GLN B 130 -0.30 -22.10 8.37
N GLY B 131 -0.64 -21.84 7.11
CA GLY B 131 -0.14 -22.58 5.95
C GLY B 131 1.36 -22.60 5.86
N ALA B 132 2.01 -21.43 5.83
CA ALA B 132 3.47 -21.27 5.74
C ALA B 132 4.18 -22.06 6.86
N ALA B 133 3.61 -22.01 8.11
CA ALA B 133 4.10 -22.71 9.29
C ALA B 133 3.99 -24.23 9.12
N ASN B 134 2.88 -24.70 8.53
CA ASN B 134 2.66 -26.13 8.22
C ASN B 134 3.72 -26.61 7.20
N GLY B 135 4.11 -25.73 6.28
CA GLY B 135 5.16 -25.99 5.31
C GLY B 135 6.53 -26.07 5.95
N ILE B 136 6.86 -25.12 6.88
CA ILE B 136 8.14 -25.10 7.58
C ILE B 136 8.26 -26.34 8.46
N ASN B 137 7.15 -26.71 9.14
CA ASN B 137 7.09 -27.90 9.99
C ASN B 137 7.35 -29.18 9.19
N PHE B 138 6.83 -29.27 7.95
CA PHE B 138 7.10 -30.42 7.09
C PHE B 138 8.59 -30.51 6.79
N LEU B 139 9.21 -29.37 6.45
CA LEU B 139 10.63 -29.26 6.16
C LEU B 139 11.48 -29.70 7.35
N HIS B 140 11.14 -29.21 8.57
CA HIS B 140 11.88 -29.52 9.78
C HIS B 140 11.66 -30.96 10.24
N GLU B 141 10.44 -31.51 10.01
CA GLU B 141 10.12 -32.91 10.36
C GLU B 141 10.97 -33.83 9.48
N ASN B 142 11.23 -33.40 8.25
CA ASN B 142 12.00 -34.10 7.24
C ASN B 142 13.48 -33.64 7.26
N HIS B 143 13.92 -33.10 8.40
CA HIS B 143 15.29 -32.66 8.71
C HIS B 143 15.94 -31.77 7.64
N HIS B 144 15.21 -30.74 7.20
CA HIS B 144 15.71 -29.75 6.24
C HIS B 144 15.61 -28.36 6.83
N ILE B 145 16.64 -27.54 6.63
CA ILE B 145 16.69 -26.13 7.02
C ILE B 145 16.58 -25.37 5.71
N HIS B 146 15.60 -24.46 5.60
CA HIS B 146 15.37 -23.68 4.41
C HIS B 146 16.51 -22.65 4.14
N ARG B 147 16.83 -21.82 5.14
CA ARG B 147 17.89 -20.79 5.16
C ARG B 147 17.50 -19.46 4.45
N ASP B 148 16.32 -19.39 3.81
CA ASP B 148 15.89 -18.14 3.18
C ASP B 148 14.39 -17.94 3.30
N ILE B 149 13.87 -18.12 4.51
CA ILE B 149 12.46 -17.89 4.81
C ILE B 149 12.29 -16.37 4.78
N LYS B 150 11.39 -15.92 3.92
CA LYS B 150 11.02 -14.53 3.67
C LYS B 150 9.73 -14.55 2.90
N SER B 151 8.97 -13.46 2.91
CA SER B 151 7.66 -13.34 2.24
C SER B 151 7.76 -13.53 0.69
N ALA B 152 8.87 -13.14 0.07
CA ALA B 152 9.12 -13.31 -1.38
C ALA B 152 9.16 -14.82 -1.74
N ASN B 153 9.42 -15.69 -0.73
CA ASN B 153 9.53 -17.14 -0.88
C ASN B 153 8.30 -17.89 -0.35
N ILE B 154 7.22 -17.16 -0.10
CA ILE B 154 5.97 -17.76 0.28
C ILE B 154 5.00 -17.42 -0.87
N LEU B 155 4.73 -18.42 -1.71
CA LEU B 155 3.88 -18.23 -2.88
C LEU B 155 2.45 -18.56 -2.57
N LEU B 156 1.53 -18.05 -3.40
CA LEU B 156 0.09 -18.15 -3.19
C LEU B 156 -0.64 -18.71 -4.38
N ASP B 157 -1.36 -19.83 -4.18
CA ASP B 157 -2.11 -20.46 -5.26
C ASP B 157 -3.46 -19.77 -5.47
N GLU B 158 -4.32 -20.38 -6.32
CA GLU B 158 -5.67 -19.91 -6.68
C GLU B 158 -6.59 -19.75 -5.46
N ALA B 159 -6.35 -20.50 -4.36
CA ALA B 159 -7.13 -20.37 -3.12
C ALA B 159 -6.36 -19.61 -2.04
N PHE B 160 -5.22 -18.97 -2.40
CA PHE B 160 -4.31 -18.24 -1.48
C PHE B 160 -3.76 -19.17 -0.40
N THR B 161 -3.50 -20.43 -0.79
CA THR B 161 -2.87 -21.41 0.08
C THR B 161 -1.38 -21.06 0.01
N ALA B 162 -0.71 -20.95 1.17
CA ALA B 162 0.72 -20.65 1.26
C ALA B 162 1.55 -21.84 0.78
N LYS B 163 2.60 -21.54 0.03
CA LYS B 163 3.52 -22.53 -0.55
C LYS B 163 4.95 -22.01 -0.40
N ILE B 164 5.77 -22.66 0.46
CA ILE B 164 7.18 -22.29 0.65
C ILE B 164 7.91 -22.65 -0.64
N SER B 165 8.74 -21.72 -1.14
CA SER B 165 9.53 -21.91 -2.36
C SER B 165 11.03 -21.66 -2.14
N ASP B 166 11.85 -21.94 -3.17
CA ASP B 166 13.30 -21.74 -3.24
C ASP B 166 14.06 -22.52 -2.19
N PHE B 167 14.47 -23.75 -2.55
CA PHE B 167 15.20 -24.72 -1.72
C PHE B 167 16.65 -24.86 -2.21
N GLY B 168 17.11 -23.83 -2.94
CA GLY B 168 18.45 -23.75 -3.50
C GLY B 168 19.55 -23.69 -2.47
N LEU B 169 19.28 -23.04 -1.33
CA LEU B 169 20.23 -22.90 -0.22
C LEU B 169 19.89 -23.87 0.93
N ALA B 170 18.81 -24.67 0.78
CA ALA B 170 18.36 -25.63 1.80
C ALA B 170 19.44 -26.64 2.19
N ARG B 171 19.50 -27.00 3.48
CA ARG B 171 20.47 -27.95 4.03
C ARG B 171 19.80 -29.03 4.88
N ALA B 172 20.31 -30.26 4.83
CA ALA B 172 19.82 -31.36 5.66
C ALA B 172 20.39 -31.21 7.09
N SER B 173 19.52 -31.30 8.12
CA SER B 173 19.88 -31.20 9.54
C SER B 173 19.83 -32.57 10.23
N MET B 181 27.97 -24.81 11.40
CA MET B 181 28.93 -23.77 11.01
C MET B 181 29.32 -23.80 9.53
N TPO B 182 29.49 -22.61 8.92
CA TPO B 182 29.83 -22.45 7.51
CB TPO B 182 28.62 -22.66 6.51
CG2 TPO B 182 27.50 -21.59 6.68
OG1 TPO B 182 29.03 -22.73 5.08
P TPO B 182 29.40 -24.10 4.36
O1P TPO B 182 28.71 -24.13 2.96
O2P TPO B 182 28.96 -25.36 5.12
O3P TPO B 182 30.94 -24.19 4.17
C TPO B 182 30.56 -21.13 7.20
O TPO B 182 30.36 -20.13 7.90
N SEP B 183 31.38 -21.14 6.14
CA SEP B 183 32.15 -19.98 5.67
CB SEP B 183 33.53 -20.40 5.15
OG SEP B 183 33.53 -21.64 4.42
C SEP B 183 31.32 -19.20 4.64
O SEP B 183 31.35 -17.97 4.64
P SEP B 183 34.85 -22.46 4.51
O1P SEP B 183 34.83 -23.39 3.27
O2P SEP B 183 34.84 -23.31 5.77
O3P SEP B 183 36.20 -21.66 4.50
N ARG B 184 30.56 -19.94 3.79
CA ARG B 184 29.67 -19.39 2.76
C ARG B 184 28.31 -18.98 3.36
N ILE B 185 28.26 -17.78 3.97
CA ILE B 185 27.05 -17.23 4.60
C ILE B 185 26.04 -16.81 3.53
N VAL B 186 24.84 -17.39 3.58
CA VAL B 186 23.75 -17.12 2.64
C VAL B 186 22.44 -16.75 3.38
N GLY B 187 21.57 -16.04 2.66
CA GLY B 187 20.26 -15.61 3.10
C GLY B 187 20.01 -14.14 2.83
N THR B 188 18.91 -13.61 3.39
CA THR B 188 18.53 -12.19 3.25
C THR B 188 18.71 -11.54 4.62
N THR B 189 19.66 -10.60 4.73
CA THR B 189 20.05 -10.00 6.02
C THR B 189 18.91 -9.38 6.81
N ALA B 190 17.90 -8.79 6.14
CA ALA B 190 16.73 -8.17 6.78
C ALA B 190 15.85 -9.17 7.56
N TYR B 191 16.00 -10.49 7.29
CA TYR B 191 15.26 -11.61 7.86
C TYR B 191 16.09 -12.55 8.71
N MET B 192 17.41 -12.42 8.67
CA MET B 192 18.34 -13.36 9.31
C MET B 192 18.52 -13.23 10.81
N ALA B 193 18.55 -14.39 11.48
CA ALA B 193 18.85 -14.53 12.92
C ALA B 193 20.28 -14.08 13.18
N PRO B 194 20.60 -13.47 14.35
CA PRO B 194 22.00 -13.08 14.59
C PRO B 194 23.01 -14.21 14.35
N GLU B 195 22.71 -15.44 14.78
CA GLU B 195 23.64 -16.57 14.61
C GLU B 195 23.79 -17.01 13.14
N ALA B 196 22.76 -16.78 12.29
CA ALA B 196 22.79 -17.12 10.85
C ALA B 196 23.79 -16.20 10.17
N LEU B 197 23.81 -14.91 10.60
CA LEU B 197 24.72 -13.86 10.12
C LEU B 197 26.13 -14.19 10.46
N ARG B 198 26.35 -14.93 11.57
CA ARG B 198 27.66 -15.38 12.05
C ARG B 198 28.14 -16.70 11.43
N GLY B 199 27.25 -17.39 10.70
CA GLY B 199 27.57 -18.63 10.01
C GLY B 199 27.00 -19.93 10.55
N GLU B 200 26.17 -19.86 11.61
CA GLU B 200 25.57 -21.08 12.16
C GLU B 200 24.41 -21.57 11.28
N ILE B 201 24.35 -22.90 11.02
CA ILE B 201 23.31 -23.59 10.24
C ILE B 201 22.40 -24.33 11.27
N THR B 202 21.21 -23.77 11.56
CA THR B 202 20.28 -24.30 12.57
C THR B 202 18.81 -24.06 12.18
N PRO B 203 17.88 -25.05 12.42
CA PRO B 203 16.46 -24.82 12.11
C PRO B 203 15.86 -23.64 12.89
N LYS B 204 16.49 -23.27 14.01
CA LYS B 204 16.10 -22.14 14.86
C LYS B 204 16.23 -20.80 14.13
N SER B 205 17.12 -20.74 13.10
CA SER B 205 17.31 -19.54 12.27
C SER B 205 16.09 -19.32 11.38
N ASP B 206 15.45 -20.41 10.89
CA ASP B 206 14.23 -20.38 10.06
C ASP B 206 13.06 -19.83 10.88
N ILE B 207 13.02 -20.13 12.18
CA ILE B 207 11.99 -19.64 13.11
C ILE B 207 12.08 -18.12 13.24
N TYR B 208 13.29 -17.58 13.42
CA TYR B 208 13.55 -16.13 13.50
C TYR B 208 13.07 -15.42 12.23
N SER B 209 13.43 -15.95 11.07
CA SER B 209 13.02 -15.42 9.77
C SER B 209 11.49 -15.41 9.61
N PHE B 210 10.81 -16.45 10.14
CA PHE B 210 9.37 -16.53 10.15
C PHE B 210 8.73 -15.45 11.04
N GLY B 211 9.42 -15.05 12.12
CA GLY B 211 8.98 -13.97 12.99
C GLY B 211 8.91 -12.65 12.25
N VAL B 212 9.87 -12.40 11.36
CA VAL B 212 9.89 -11.21 10.50
C VAL B 212 8.71 -11.27 9.50
N VAL B 213 8.39 -12.47 9.00
CA VAL B 213 7.27 -12.67 8.07
C VAL B 213 5.94 -12.34 8.77
N LEU B 214 5.80 -12.75 10.02
CA LEU B 214 4.63 -12.47 10.85
C LEU B 214 4.44 -10.99 11.09
N LEU B 215 5.57 -10.25 11.30
CA LEU B 215 5.60 -8.79 11.43
C LEU B 215 5.10 -8.13 10.13
N GLU B 216 5.56 -8.63 8.95
CA GLU B 216 5.13 -8.15 7.64
C GLU B 216 3.65 -8.35 7.44
N ILE B 217 3.11 -9.47 7.94
CA ILE B 217 1.68 -9.81 7.82
C ILE B 217 0.82 -8.86 8.69
N ILE B 218 1.27 -8.57 9.94
CA ILE B 218 0.53 -7.68 10.85
C ILE B 218 0.51 -6.24 10.32
N THR B 219 1.64 -5.76 9.82
CA THR B 219 1.93 -4.38 9.47
C THR B 219 1.78 -4.03 8.01
N GLY B 220 1.98 -5.00 7.12
CA GLY B 220 1.95 -4.75 5.69
C GLY B 220 3.19 -4.03 5.21
N LEU B 221 4.20 -3.87 6.10
CA LEU B 221 5.47 -3.19 5.82
C LEU B 221 6.55 -4.16 5.32
N PRO B 222 7.42 -3.71 4.39
CA PRO B 222 8.52 -4.60 3.97
C PRO B 222 9.58 -4.73 5.10
N ALA B 223 10.30 -5.89 5.17
CA ALA B 223 11.33 -6.17 6.16
C ALA B 223 12.46 -5.12 6.23
N VAL B 224 12.76 -4.49 5.08
CA VAL B 224 13.75 -3.42 4.96
C VAL B 224 13.20 -2.29 4.04
N ASP B 225 13.39 -1.06 4.47
CA ASP B 225 13.05 0.14 3.73
C ASP B 225 14.08 1.14 4.14
N GLU B 226 15.01 1.40 3.22
CA GLU B 226 16.14 2.34 3.41
C GLU B 226 15.68 3.79 3.69
N HIS B 227 14.46 4.15 3.29
CA HIS B 227 13.90 5.49 3.49
C HIS B 227 12.89 5.55 4.66
N ARG B 228 12.99 4.62 5.62
CA ARG B 228 12.10 4.51 6.77
C ARG B 228 12.90 4.50 8.08
N GLU B 229 12.26 4.92 9.19
CA GLU B 229 12.83 4.87 10.53
C GLU B 229 11.83 4.09 11.39
N PRO B 230 12.18 2.85 11.85
CA PRO B 230 13.45 2.13 11.68
C PRO B 230 13.51 1.49 10.28
N GLN B 231 14.73 1.36 9.73
CA GLN B 231 14.94 0.79 8.40
C GLN B 231 14.57 -0.69 8.38
N LEU B 232 14.88 -1.42 9.47
CA LEU B 232 14.56 -2.84 9.60
C LEU B 232 13.31 -3.05 10.44
N LEU B 233 12.33 -3.79 9.88
CA LEU B 233 11.07 -4.10 10.54
C LEU B 233 11.26 -4.81 11.89
N LEU B 234 12.30 -5.68 12.03
CA LEU B 234 12.51 -6.42 13.28
C LEU B 234 12.76 -5.47 14.46
N ASP B 235 13.18 -4.21 14.18
CA ASP B 235 13.45 -3.18 15.17
C ASP B 235 12.20 -2.63 15.87
N ILE B 236 10.98 -2.82 15.29
CA ILE B 236 9.72 -2.38 15.89
C ILE B 236 9.42 -3.16 17.18
N LYS B 237 9.93 -4.39 17.32
CA LYS B 237 9.77 -5.26 18.49
C LYS B 237 10.32 -4.54 19.73
N GLU B 238 11.44 -3.83 19.55
CA GLU B 238 12.11 -3.09 20.62
C GLU B 238 11.37 -1.80 20.92
N GLU B 239 10.78 -1.15 19.88
CA GLU B 239 9.93 0.05 20.04
C GLU B 239 8.68 -0.29 20.85
N ILE B 240 8.06 -1.45 20.56
CA ILE B 240 6.87 -1.92 21.27
C ILE B 240 7.23 -2.31 22.70
N GLU B 241 8.29 -3.14 22.88
CA GLU B 241 8.78 -3.60 24.19
C GLU B 241 9.15 -2.46 25.12
N ASP B 242 9.78 -1.41 24.55
CA ASP B 242 10.20 -0.24 25.32
C ASP B 242 9.11 0.86 25.37
N GLU B 243 7.84 0.44 25.14
CA GLU B 243 6.59 1.23 25.15
C GLU B 243 6.68 2.61 24.45
N GLU B 244 7.62 2.73 23.50
CA GLU B 244 7.85 3.91 22.67
C GLU B 244 6.70 3.98 21.62
N LYS B 245 6.24 2.77 21.18
CA LYS B 245 5.15 2.56 20.24
C LYS B 245 4.29 1.35 20.69
N THR B 246 3.13 1.16 20.05
CA THR B 246 2.23 0.04 20.35
C THR B 246 2.07 -0.84 19.10
N ILE B 247 1.61 -2.10 19.28
CA ILE B 247 1.40 -2.98 18.14
C ILE B 247 0.26 -2.38 17.29
N GLU B 248 -0.77 -1.80 17.94
CA GLU B 248 -1.89 -1.12 17.32
C GLU B 248 -1.46 0.02 16.41
N ASP B 249 -0.38 0.73 16.76
CA ASP B 249 0.15 1.83 15.93
C ASP B 249 0.70 1.31 14.60
N TYR B 250 1.17 0.05 14.58
CA TYR B 250 1.81 -0.59 13.44
C TYR B 250 0.89 -1.45 12.57
N ILE B 251 -0.28 -1.89 13.09
CA ILE B 251 -1.26 -2.72 12.37
C ILE B 251 -1.55 -2.12 10.99
N ASP B 252 -1.53 -2.96 9.93
CA ASP B 252 -1.86 -2.55 8.56
C ASP B 252 -3.27 -1.94 8.55
N LYS B 253 -3.36 -0.71 8.05
CA LYS B 253 -4.62 0.05 7.99
C LYS B 253 -5.48 -0.35 6.81
N LYS B 254 -4.89 -1.14 5.89
CA LYS B 254 -5.55 -1.69 4.70
C LYS B 254 -6.36 -2.94 5.06
N MET B 255 -6.90 -3.02 6.27
CA MET B 255 -7.73 -4.13 6.75
C MET B 255 -8.89 -3.55 7.52
N ASN B 256 -10.06 -4.19 7.47
CA ASN B 256 -11.22 -3.73 8.27
C ASN B 256 -11.69 -4.81 9.29
N ASP B 257 -11.11 -6.02 9.20
CA ASP B 257 -11.43 -7.21 9.98
C ASP B 257 -10.34 -7.67 10.98
N ALA B 258 -9.35 -6.80 11.28
CA ALA B 258 -8.30 -7.17 12.21
C ALA B 258 -8.75 -6.99 13.66
N ASP B 259 -9.12 -8.07 14.35
CA ASP B 259 -9.50 -7.92 15.75
C ASP B 259 -8.26 -7.85 16.63
N SER B 260 -8.27 -6.90 17.53
CA SER B 260 -7.20 -6.58 18.47
C SER B 260 -6.55 -7.79 19.14
N THR B 261 -7.38 -8.68 19.69
CA THR B 261 -6.97 -9.88 20.42
C THR B 261 -6.18 -10.85 19.52
N SER B 262 -6.70 -11.21 18.34
CA SER B 262 -5.98 -12.13 17.46
C SER B 262 -4.72 -11.49 16.83
N VAL B 263 -4.70 -10.15 16.64
CA VAL B 263 -3.51 -9.42 16.15
C VAL B 263 -2.43 -9.49 17.25
N GLU B 264 -2.86 -9.34 18.52
CA GLU B 264 -1.99 -9.41 19.68
C GLU B 264 -1.45 -10.83 19.88
N ALA B 265 -2.30 -11.87 19.61
CA ALA B 265 -1.89 -13.27 19.69
C ALA B 265 -0.86 -13.58 18.57
N MET B 266 -1.03 -13.00 17.35
CA MET B 266 -0.01 -13.20 16.32
C MET B 266 1.31 -12.45 16.65
N TYR B 267 1.21 -11.20 17.18
CA TYR B 267 2.40 -10.42 17.52
C TYR B 267 3.24 -11.13 18.59
N SER B 268 2.58 -11.78 19.57
CA SER B 268 3.20 -12.56 20.64
C SER B 268 4.02 -13.72 20.05
N VAL B 269 3.49 -14.43 19.04
CA VAL B 269 4.16 -15.52 18.31
C VAL B 269 5.40 -14.94 17.62
N ALA B 270 5.23 -13.81 16.90
CA ALA B 270 6.31 -13.11 16.21
C ALA B 270 7.43 -12.69 17.19
N SER B 271 7.05 -12.09 18.34
CA SER B 271 7.94 -11.64 19.42
C SER B 271 8.77 -12.81 19.98
N GLN B 272 8.13 -13.99 20.14
CA GLN B 272 8.74 -15.25 20.60
C GLN B 272 9.73 -15.80 19.57
N CYS B 273 9.37 -15.69 18.27
CA CYS B 273 10.24 -16.16 17.19
C CYS B 273 11.52 -15.32 17.12
N LEU B 274 11.41 -14.01 17.45
CA LEU B 274 12.47 -13.01 17.34
C LEU B 274 13.33 -12.88 18.58
N HIS B 275 13.34 -13.94 19.43
CA HIS B 275 14.20 -14.02 20.61
C HIS B 275 15.61 -14.09 20.08
N GLU B 276 16.48 -13.16 20.52
CA GLU B 276 17.88 -13.08 20.04
C GLU B 276 18.69 -14.35 20.33
N LYS B 277 18.35 -15.05 21.43
CA LYS B 277 18.94 -16.32 21.84
C LYS B 277 18.09 -17.44 21.20
N LYS B 278 18.69 -18.16 20.24
CA LYS B 278 18.06 -19.25 19.47
C LYS B 278 17.34 -20.31 20.32
N ASN B 279 17.85 -20.61 21.51
CA ASN B 279 17.28 -21.63 22.41
C ASN B 279 16.03 -21.14 23.14
N LYS B 280 15.80 -19.83 23.18
CA LYS B 280 14.63 -19.23 23.82
C LYS B 280 13.45 -19.14 22.85
N ARG B 281 13.71 -19.28 21.53
CA ARG B 281 12.71 -19.28 20.44
C ARG B 281 11.90 -20.59 20.48
N PRO B 282 10.58 -20.58 20.13
CA PRO B 282 9.84 -21.86 20.12
C PRO B 282 10.22 -22.70 18.91
N ASP B 283 9.94 -24.02 18.95
CA ASP B 283 10.18 -24.84 17.77
C ASP B 283 8.99 -24.65 16.81
N ILE B 284 9.12 -25.09 15.56
CA ILE B 284 8.04 -24.90 14.59
C ILE B 284 6.68 -25.54 15.02
N LYS B 285 6.70 -26.70 15.71
CA LYS B 285 5.48 -27.37 16.20
C LYS B 285 4.73 -26.47 17.22
N LYS B 286 5.47 -25.76 18.08
CA LYS B 286 4.92 -24.81 19.05
C LYS B 286 4.32 -23.61 18.31
N VAL B 287 4.98 -23.17 17.23
CA VAL B 287 4.52 -22.06 16.38
C VAL B 287 3.15 -22.39 15.75
N GLN B 288 2.98 -23.62 15.22
CA GLN B 288 1.73 -24.08 14.62
C GLN B 288 0.62 -24.06 15.65
N GLN B 289 0.89 -24.63 16.85
CA GLN B 289 -0.04 -24.71 17.97
C GLN B 289 -0.54 -23.32 18.37
N LEU B 290 0.38 -22.35 18.47
CA LEU B 290 0.10 -20.97 18.83
C LEU B 290 -0.76 -20.26 17.79
N LEU B 291 -0.47 -20.48 16.49
CA LEU B 291 -1.22 -19.90 15.37
C LEU B 291 -2.61 -20.53 15.26
N GLN B 292 -2.76 -21.80 15.69
CA GLN B 292 -4.03 -22.54 15.70
C GLN B 292 -4.93 -21.97 16.80
N GLU B 293 -4.39 -21.78 18.01
CA GLU B 293 -5.08 -21.23 19.20
C GLU B 293 -5.59 -19.81 18.96
N MET B 294 -4.91 -19.07 18.06
CA MET B 294 -5.20 -17.69 17.65
C MET B 294 -6.56 -17.59 16.92
N THR B 295 -6.97 -18.67 16.18
CA THR B 295 -8.23 -18.69 15.40
C THR B 295 -9.36 -19.52 16.05
S SO4 C . -0.17 38.39 -5.87
O1 SO4 C . 0.08 37.09 -5.27
O2 SO4 C . -1.22 38.24 -6.88
O3 SO4 C . 1.06 38.88 -6.51
O4 SO4 C . -0.60 39.33 -4.84
C1 CJT D . -13.01 10.74 6.08
C2 CJT D . -14.10 11.06 7.12
C3 CJT D . -15.08 12.14 6.64
C7 CJT D . -17.61 12.63 3.94
C8 CJT D . -18.94 11.14 2.83
C9 CJT D . -19.41 13.33 2.53
C10 CJT D . -18.38 13.74 3.42
C11 CJT D . -18.41 15.18 3.41
C12 CJT D . -19.46 15.54 2.62
C13 CJT D . -17.53 16.11 4.21
C14 CJT D . -18.03 16.21 5.66
C15 CJT D . -17.16 17.18 6.48
C16 CJT D . -17.12 18.56 5.83
C19 CJT D . -16.31 19.57 6.65
C20 CJT D . -12.64 8.38 6.93
O CJT D . -15.43 19.18 7.42
N5 CJT D . -16.61 20.84 6.46
C17 CJT D . -16.57 18.43 4.40
C18 CJT D . -17.45 17.51 3.57
N4 CJT D . -20.04 14.44 2.05
N3 CJT D . -19.74 12.05 2.26
N2 CJT D . -17.92 11.35 3.68
N1 CJT D . -16.57 12.85 4.78
C4 CJT D . -15.65 11.82 5.26
C5 CJT D . -14.52 11.62 4.26
C6 CJT D . -13.58 10.48 4.68
N CJT D . -12.01 9.62 6.44
C CJT D . -10.93 10.04 7.31
S SO4 E . 20.43 -9.25 0.97
O1 SO4 E . 19.79 -10.45 0.40
O2 SO4 E . 19.86 -8.05 0.35
O3 SO4 E . 20.20 -9.20 2.40
O4 SO4 E . 21.87 -9.29 0.70
C1 CJT F . 7.57 -12.66 -8.25
C2 CJT F . 8.18 -13.21 -9.56
C3 CJT F . 8.42 -14.72 -9.49
C7 CJT F . 6.36 -17.77 -9.32
C8 CJT F . 4.24 -18.10 -10.07
C9 CJT F . 5.44 -19.95 -9.55
C10 CJT F . 6.58 -19.20 -9.22
C11 CJT F . 7.54 -20.15 -8.72
C12 CJT F . 6.99 -21.38 -8.88
C13 CJT F . 8.94 -19.83 -8.29
C14 CJT F . 9.86 -19.85 -9.52
C15 CJT F . 11.30 -19.48 -9.19
C16 CJT F . 11.71 -19.93 -7.79
C19 CJT F . 13.21 -20.12 -7.69
C20 CJT F . 6.48 -10.64 -9.34
O CJT F . 13.98 -19.16 -7.71
N5 CJT F . 13.67 -21.37 -7.58
C17 CJT F . 10.92 -21.18 -7.37
C18 CJT F . 9.42 -20.86 -7.24
N4 CJT F . 5.72 -21.27 -9.33
N3 CJT F . 4.29 -19.43 -10.03
N2 CJT F . 5.20 -17.23 -9.76
N1 CJT F . 7.35 -16.91 -9.02
C4 CJT F . 7.15 -15.46 -9.08
C5 CJT F . 6.63 -14.93 -7.75
C6 CJT F . 6.34 -13.44 -7.81
N CJT F . 7.26 -11.14 -8.20
C CJT F . 8.43 -10.31 -7.96
#